data_5WIY
#
_entry.id   5WIY
#
_cell.length_a   162.040
_cell.length_b   69.180
_cell.length_c   78.600
_cell.angle_alpha   90.00
_cell.angle_beta   117.83
_cell.angle_gamma   90.00
#
_symmetry.space_group_name_H-M   'C 1 2 1'
#
loop_
_entity.id
_entity.type
_entity.pdbx_description
1 polymer 'Kelch-like ECH-associated protein 1'
2 non-polymer 'SULFATE ION'
3 non-polymer 4-amino-1,7-dihydro-6H-pyrazolo[3,4-d]pyrimidine-6-thione
4 water water
#
_entity_poly.entity_id   1
_entity_poly.type   'polypeptide(L)'
_entity_poly.pdbx_seq_one_letter_code
;MGSSHHHHHHSSGGENLYFQGHMKPTQVMPSRAPKVGRLIYTAGGYFRQSLSYLEAYNPSDGTWLRLADLQVPRSGLAGC
VVGGLLYAVGGRNNSPDGNTDSSALDCYNPMTNQWSPCAPMSVPRNRIGVGVIDGHIYAVGGSHGCIHHNSVERYEPERD
EWHLVAPMLTRRIGVGVAVLNRLLYAVGGFDGTNRLNSAECYYPERNEWRMITAMNTIRSGAGVCVLHNCIYAAGGYDGQ
DQLNSVERYDVATATWTFVAPMKHRRSALGITVHQGRIYVLGGYDGHTFLDSVECYDPDTDTWSEVTRMTSGRSGVGVAV
TMEPSRKQIDQQNSTS
;
_entity_poly.pdbx_strand_id   A,B
#
loop_
_chem_comp.id
_chem_comp.type
_chem_comp.name
_chem_comp.formula
1XM non-polymer 4-amino-1,7-dihydro-6H-pyrazolo[3,4-d]pyrimidine-6-thione 'C5 H5 N5 S'
SO4 non-polymer 'SULFATE ION' 'O4 S -2'
#
# COMPACT_ATOMS: atom_id res chain seq x y z
N ARG A 38 9.88 -6.71 14.95
CA ARG A 38 8.53 -6.30 15.34
C ARG A 38 7.78 -7.49 15.93
N LEU A 39 6.95 -7.25 16.93
CA LEU A 39 6.26 -8.32 17.62
C LEU A 39 4.75 -8.16 17.50
N ILE A 40 4.04 -9.25 17.77
CA ILE A 40 2.59 -9.25 17.90
C ILE A 40 2.26 -9.13 19.39
N TYR A 41 1.57 -8.06 19.75
CA TYR A 41 1.17 -7.79 21.12
C TYR A 41 -0.26 -8.27 21.36
N THR A 42 -0.49 -8.94 22.47
CA THR A 42 -1.82 -9.28 22.94
C THR A 42 -2.09 -8.49 24.20
N ALA A 43 -3.23 -7.81 24.25
CA ALA A 43 -3.59 -6.99 25.38
C ALA A 43 -4.95 -7.42 25.93
N GLY A 44 -5.02 -7.61 27.25
CA GLY A 44 -6.29 -7.95 27.87
C GLY A 44 -6.78 -9.29 27.40
N GLY A 45 -8.10 -9.46 27.43
CA GLY A 45 -8.75 -10.70 27.07
C GLY A 45 -9.59 -11.23 28.22
N TYR A 46 -10.12 -12.43 28.02
CA TYR A 46 -11.04 -13.01 29.00
C TYR A 46 -10.72 -14.48 29.22
N PHE A 47 -10.63 -14.85 30.50
CA PHE A 47 -10.61 -16.26 30.92
C PHE A 47 -11.07 -16.29 32.38
N ARG A 48 -12.33 -16.66 32.59
CA ARG A 48 -12.97 -16.65 33.90
C ARG A 48 -13.27 -15.23 34.38
N GLN A 49 -12.40 -14.27 34.05
CA GLN A 49 -12.66 -12.86 34.24
C GLN A 49 -11.81 -12.07 33.23
N SER A 50 -11.99 -10.76 33.19
CA SER A 50 -11.17 -9.91 32.33
C SER A 50 -9.73 -9.87 32.80
N LEU A 51 -8.81 -9.70 31.85
CA LEU A 51 -7.39 -9.90 32.10
C LEU A 51 -6.63 -8.61 31.83
N SER A 52 -5.48 -8.46 32.49
CA SER A 52 -4.57 -7.35 32.32
C SER A 52 -3.33 -7.71 31.51
N TYR A 53 -3.19 -8.97 31.10
CA TYR A 53 -1.94 -9.41 30.49
C TYR A 53 -1.62 -8.59 29.25
N LEU A 54 -0.38 -8.14 29.15
CA LEU A 54 0.22 -7.64 27.93
C LEU A 54 1.40 -8.53 27.61
N GLU A 55 1.32 -9.28 26.52
CA GLU A 55 2.36 -10.22 26.10
C GLU A 55 2.65 -10.06 24.62
N ALA A 56 3.90 -10.33 24.24
CA ALA A 56 4.35 -10.20 22.86
C ALA A 56 4.96 -11.52 22.40
N TYR A 57 4.53 -11.97 21.22
CA TYR A 57 5.02 -13.20 20.61
C TYR A 57 5.90 -12.86 19.42
N ASN A 58 7.05 -13.51 19.32
CA ASN A 58 7.92 -13.33 18.16
C ASN A 58 7.82 -14.56 17.27
N PRO A 59 7.14 -14.49 16.13
CA PRO A 59 7.10 -15.66 15.22
C PRO A 59 8.46 -16.06 14.71
N SER A 60 9.48 -15.21 14.85
CA SER A 60 10.81 -15.56 14.37
C SER A 60 11.51 -16.52 15.32
N ASP A 61 11.65 -16.14 16.60
CA ASP A 61 12.31 -17.00 17.57
C ASP A 61 11.35 -17.78 18.46
N GLY A 62 10.04 -17.52 18.36
CA GLY A 62 9.06 -18.29 19.10
C GLY A 62 8.86 -17.88 20.55
N THR A 63 9.56 -16.87 21.02
CA THR A 63 9.51 -16.51 22.43
C THR A 63 8.27 -15.70 22.75
N TRP A 64 7.75 -15.88 23.96
CA TRP A 64 6.74 -15.01 24.54
C TRP A 64 7.40 -14.21 25.66
N LEU A 65 7.31 -12.88 25.58
CA LEU A 65 7.86 -12.01 26.62
C LEU A 65 6.73 -11.22 27.27
N ARG A 66 6.71 -11.21 28.60
CA ARG A 66 5.64 -10.60 29.39
C ARG A 66 5.97 -9.15 29.75
N LEU A 67 5.05 -8.24 29.46
CA LEU A 67 5.28 -6.82 29.67
C LEU A 67 4.31 -6.30 30.73
N ALA A 68 4.23 -4.99 30.87
CA ALA A 68 3.44 -4.37 31.94
C ALA A 68 1.95 -4.68 31.81
N ASP A 69 1.32 -5.02 32.94
CA ASP A 69 -0.13 -5.22 32.97
C ASP A 69 -0.87 -3.94 32.58
N LEU A 70 -2.04 -4.13 31.98
CA LEU A 70 -2.97 -3.02 31.80
C LEU A 70 -3.32 -2.40 33.14
N GLN A 71 -3.55 -1.09 33.12
CA GLN A 71 -3.97 -0.40 34.33
C GLN A 71 -5.26 -1.00 34.86
N VAL A 72 -6.21 -1.29 33.97
CA VAL A 72 -7.52 -1.85 34.30
C VAL A 72 -7.75 -3.07 33.41
N PRO A 73 -8.08 -4.24 33.96
CA PRO A 73 -8.35 -5.40 33.11
C PRO A 73 -9.53 -5.16 32.17
N ARG A 74 -9.39 -5.66 30.95
CA ARG A 74 -10.42 -5.47 29.93
C ARG A 74 -10.43 -6.63 28.97
N SER A 75 -11.63 -7.10 28.63
CA SER A 75 -11.92 -8.00 27.52
C SER A 75 -12.80 -7.28 26.52
N GLY A 76 -12.85 -7.79 25.29
CA GLY A 76 -13.69 -7.17 24.30
C GLY A 76 -13.19 -5.82 23.81
N LEU A 77 -11.93 -5.52 24.08
CA LEU A 77 -11.26 -4.32 23.62
C LEU A 77 -10.63 -4.58 22.26
N ALA A 78 -10.17 -3.51 21.63
CA ALA A 78 -9.43 -3.58 20.38
C ALA A 78 -8.06 -2.92 20.53
N GLY A 79 -7.10 -3.35 19.72
CA GLY A 79 -5.77 -2.80 19.76
C GLY A 79 -5.38 -2.20 18.43
N CYS A 80 -4.52 -1.19 18.49
CA CYS A 80 -4.00 -0.60 17.26
C CYS A 80 -2.73 0.16 17.60
N VAL A 81 -2.03 0.59 16.53
CA VAL A 81 -0.77 1.30 16.63
C VAL A 81 -0.83 2.52 15.71
N VAL A 82 -0.54 3.69 16.28
CA VAL A 82 -0.29 4.90 15.51
C VAL A 82 1.06 5.45 15.94
N GLY A 83 1.93 5.74 14.98
CA GLY A 83 3.27 6.19 15.32
C GLY A 83 4.00 5.28 16.28
N GLY A 84 3.85 3.97 16.10
CA GLY A 84 4.57 3.03 16.93
C GLY A 84 4.07 2.90 18.35
N LEU A 85 3.09 3.70 18.77
CA LEU A 85 2.50 3.54 20.08
C LEU A 85 1.27 2.64 20.00
N LEU A 86 1.16 1.73 20.95
CA LEU A 86 0.07 0.77 21.02
C LEU A 86 -1.07 1.32 21.87
N TYR A 87 -2.28 1.30 21.32
CA TYR A 87 -3.45 1.79 22.03
C TYR A 87 -4.40 0.64 22.37
N ALA A 88 -5.03 0.76 23.54
CA ALA A 88 -6.06 -0.14 24.02
C ALA A 88 -7.37 0.65 24.11
N VAL A 89 -8.39 0.19 23.38
CA VAL A 89 -9.62 0.96 23.19
C VAL A 89 -10.78 0.12 23.70
N GLY A 90 -11.55 0.69 24.62
CA GLY A 90 -12.82 0.16 25.08
C GLY A 90 -12.72 -1.20 25.77
N GLY A 91 -13.77 -2.01 25.58
CA GLY A 91 -13.83 -3.31 26.24
C GLY A 91 -14.69 -3.30 27.48
N ARG A 92 -14.36 -4.17 28.44
CA ARG A 92 -15.18 -4.34 29.63
C ARG A 92 -14.35 -5.04 30.70
N ASN A 93 -14.57 -4.67 31.96
CA ASN A 93 -13.93 -5.34 33.08
C ASN A 93 -14.98 -6.25 33.71
N ASN A 94 -14.91 -7.55 33.39
CA ASN A 94 -15.70 -8.58 34.06
C ASN A 94 -14.91 -9.12 35.25
N SER A 95 -15.40 -8.89 36.47
CA SER A 95 -14.75 -9.41 37.66
C SER A 95 -15.82 -9.89 38.64
N PRO A 96 -15.44 -10.67 39.64
CA PRO A 96 -16.41 -11.07 40.67
C PRO A 96 -17.06 -9.91 41.38
N ASP A 97 -16.57 -8.68 41.20
CA ASP A 97 -17.13 -7.53 41.89
C ASP A 97 -17.83 -6.55 40.96
N GLY A 98 -17.85 -6.82 39.66
CA GLY A 98 -18.54 -5.90 38.78
C GLY A 98 -18.35 -6.30 37.33
N ASN A 99 -19.06 -5.59 36.47
CA ASN A 99 -18.93 -5.76 35.03
C ASN A 99 -19.12 -4.36 34.45
N THR A 100 -18.03 -3.68 34.16
CA THR A 100 -18.12 -2.28 33.73
C THR A 100 -17.53 -2.14 32.35
N ASP A 101 -18.36 -1.68 31.40
CA ASP A 101 -17.91 -1.33 30.07
C ASP A 101 -16.99 -0.13 30.14
N SER A 102 -16.09 -0.02 29.18
CA SER A 102 -14.99 0.94 29.25
C SER A 102 -15.06 1.97 28.14
N SER A 103 -14.86 3.24 28.52
CA SER A 103 -14.60 4.35 27.60
C SER A 103 -13.12 4.63 27.46
N ALA A 104 -12.26 3.86 28.11
CA ALA A 104 -10.87 4.22 28.26
C ALA A 104 -10.11 4.00 26.98
N LEU A 105 -9.20 4.92 26.69
CA LEU A 105 -8.15 4.74 25.70
C LEU A 105 -6.82 4.86 26.44
N ASP A 106 -5.96 3.85 26.28
CA ASP A 106 -4.70 3.80 26.99
C ASP A 106 -3.59 3.44 26.01
N CYS A 107 -2.40 3.99 26.27
CA CYS A 107 -1.31 4.02 25.32
C CYS A 107 -0.05 3.44 25.94
N TYR A 108 0.56 2.49 25.22
CA TYR A 108 1.75 1.78 25.65
C TYR A 108 2.93 2.10 24.74
N ASN A 109 4.08 2.41 25.35
CA ASN A 109 5.33 2.69 24.64
C ASN A 109 6.24 1.49 24.77
N PRO A 110 6.54 0.77 23.69
CA PRO A 110 7.29 -0.49 23.83
C PRO A 110 8.72 -0.34 24.32
N MET A 111 9.39 0.78 24.03
CA MET A 111 10.75 0.95 24.53
C MET A 111 10.80 1.39 26.00
N THR A 112 9.73 1.97 26.53
CA THR A 112 9.73 2.45 27.91
C THR A 112 8.81 1.64 28.82
N ASN A 113 8.01 0.73 28.26
CA ASN A 113 7.17 -0.16 29.06
C ASN A 113 6.28 0.61 30.03
N GLN A 114 5.55 1.59 29.51
CA GLN A 114 4.64 2.34 30.37
C GLN A 114 3.31 2.60 29.68
N TRP A 115 2.22 2.43 30.44
CA TRP A 115 0.89 2.81 29.98
C TRP A 115 0.60 4.23 30.42
N SER A 116 -0.03 5.00 29.54
CA SER A 116 -0.47 6.35 29.85
C SER A 116 -1.94 6.47 29.49
N PRO A 117 -2.80 6.91 30.41
CA PRO A 117 -4.19 7.13 30.04
C PRO A 117 -4.32 8.25 29.01
N CYS A 118 -5.29 8.09 28.12
CA CYS A 118 -5.62 9.09 27.11
C CYS A 118 -7.08 9.55 27.31
N ALA A 119 -7.48 10.54 26.53
CA ALA A 119 -8.85 11.02 26.64
C ALA A 119 -9.81 9.85 26.40
N PRO A 120 -10.90 9.77 27.16
CA PRO A 120 -11.86 8.68 26.96
C PRO A 120 -12.86 9.00 25.85
N MET A 121 -13.42 7.93 25.28
CA MET A 121 -14.46 8.06 24.27
C MET A 121 -15.71 8.68 24.89
N SER A 122 -16.67 9.05 24.03
CA SER A 122 -17.91 9.67 24.51
C SER A 122 -18.81 8.67 25.21
N VAL A 123 -18.71 7.39 24.86
CA VAL A 123 -19.48 6.32 25.50
C VAL A 123 -18.60 5.11 25.68
N PRO A 124 -18.87 4.30 26.70
CA PRO A 124 -18.21 2.98 26.79
C PRO A 124 -18.58 2.11 25.60
N ARG A 125 -17.62 1.30 25.15
CA ARG A 125 -17.82 0.48 23.95
C ARG A 125 -17.19 -0.88 24.23
N ASN A 126 -18.01 -1.81 24.70
CA ASN A 126 -17.58 -3.19 24.81
C ASN A 126 -17.75 -3.90 23.47
N ARG A 127 -16.82 -4.81 23.16
CA ARG A 127 -16.79 -5.49 21.87
C ARG A 127 -16.73 -4.50 20.71
N ILE A 128 -15.88 -3.50 20.90
CA ILE A 128 -15.57 -2.45 19.95
C ILE A 128 -14.83 -3.00 18.74
N GLY A 129 -14.94 -2.28 17.65
CA GLY A 129 -14.07 -2.43 16.50
C GLY A 129 -13.25 -1.17 16.35
N VAL A 130 -12.06 -1.31 15.75
CA VAL A 130 -11.12 -0.21 15.74
C VAL A 130 -10.34 -0.27 14.43
N GLY A 131 -10.11 0.89 13.85
CA GLY A 131 -9.27 0.98 12.66
C GLY A 131 -8.60 2.33 12.62
N VAL A 132 -7.51 2.40 11.86
CA VAL A 132 -6.70 3.60 11.80
C VAL A 132 -6.62 4.09 10.36
N ILE A 133 -6.97 5.36 10.15
CA ILE A 133 -6.86 6.02 8.86
C ILE A 133 -5.99 7.24 9.04
N ASP A 134 -4.95 7.34 8.21
CA ASP A 134 -3.96 8.39 8.37
C ASP A 134 -3.35 8.26 9.76
N GLY A 135 -3.63 9.22 10.64
CA GLY A 135 -3.09 9.11 11.98
C GLY A 135 -4.13 9.10 13.07
N HIS A 136 -5.39 8.91 12.71
CA HIS A 136 -6.49 8.95 13.66
C HIS A 136 -7.05 7.57 13.94
N ILE A 137 -7.52 7.38 15.17
CA ILE A 137 -8.09 6.11 15.62
C ILE A 137 -9.60 6.20 15.54
N TYR A 138 -10.22 5.24 14.85
CA TYR A 138 -11.67 5.15 14.71
C TYR A 138 -12.20 4.09 15.67
N ALA A 139 -13.12 4.49 16.54
CA ALA A 139 -13.78 3.57 17.46
C ALA A 139 -15.16 3.29 16.91
N VAL A 140 -15.48 2.01 16.72
CA VAL A 140 -16.63 1.61 15.92
C VAL A 140 -17.53 0.66 16.71
N GLY A 141 -18.77 1.08 16.92
CA GLY A 141 -19.78 0.15 17.42
C GLY A 141 -19.54 -0.17 18.88
N GLY A 142 -19.79 -1.44 19.23
CA GLY A 142 -19.67 -1.88 20.62
C GLY A 142 -20.96 -1.65 21.38
N SER A 143 -20.96 -2.10 22.62
CA SER A 143 -22.14 -2.02 23.45
C SER A 143 -21.86 -1.32 24.77
N HIS A 144 -22.94 -0.82 25.39
CA HIS A 144 -22.92 -0.29 26.75
C HIS A 144 -24.20 -0.80 27.41
N GLY A 145 -24.07 -1.85 28.19
CA GLY A 145 -25.25 -2.54 28.68
C GLY A 145 -26.08 -3.02 27.50
N CYS A 146 -27.39 -2.73 27.55
CA CYS A 146 -28.30 -3.15 26.48
C CYS A 146 -28.17 -2.29 25.23
N ILE A 147 -27.48 -1.16 25.30
CA ILE A 147 -27.36 -0.27 24.17
C ILE A 147 -26.32 -0.83 23.20
N HIS A 148 -26.73 -1.03 21.95
CA HIS A 148 -25.81 -1.45 20.89
C HIS A 148 -25.55 -0.28 19.96
N HIS A 149 -24.31 0.17 19.93
CA HIS A 149 -23.98 1.40 19.24
C HIS A 149 -23.97 1.19 17.73
N ASN A 150 -24.41 2.21 17.01
CA ASN A 150 -24.06 2.40 15.62
C ASN A 150 -23.17 3.61 15.42
N SER A 151 -22.90 4.36 16.49
CA SER A 151 -22.07 5.56 16.44
C SER A 151 -20.59 5.20 16.28
N VAL A 152 -19.84 6.18 15.78
CA VAL A 152 -18.41 6.04 15.51
C VAL A 152 -17.71 7.32 15.96
N GLU A 153 -16.51 7.19 16.55
CA GLU A 153 -15.74 8.32 17.06
C GLU A 153 -14.31 8.27 16.55
N ARG A 154 -13.68 9.44 16.47
CA ARG A 154 -12.32 9.57 15.96
C ARG A 154 -11.43 10.22 17.01
N TYR A 155 -10.21 9.70 17.15
CA TYR A 155 -9.25 10.20 18.11
C TYR A 155 -8.02 10.77 17.41
N GLU A 156 -7.56 11.94 17.87
CA GLU A 156 -6.34 12.55 17.34
C GLU A 156 -5.23 12.42 18.37
N PRO A 157 -4.30 11.48 18.21
CA PRO A 157 -3.27 11.30 19.24
C PRO A 157 -2.51 12.59 19.58
N GLU A 158 -2.33 13.50 18.62
CA GLU A 158 -1.57 14.71 18.88
C GLU A 158 -2.40 15.82 19.51
N ARG A 159 -3.73 15.70 19.54
CA ARG A 159 -4.59 16.65 20.24
C ARG A 159 -5.36 16.02 21.41
N ASP A 160 -5.33 14.69 21.54
CA ASP A 160 -6.01 13.98 22.63
C ASP A 160 -7.49 14.33 22.71
N GLU A 161 -8.17 14.22 21.57
CA GLU A 161 -9.59 14.55 21.49
C GLU A 161 -10.34 13.50 20.69
N TRP A 162 -11.54 13.19 21.14
CA TRP A 162 -12.50 12.39 20.42
C TRP A 162 -13.58 13.30 19.85
N HIS A 163 -14.12 12.92 18.69
CA HIS A 163 -15.27 13.62 18.14
C HIS A 163 -16.17 12.64 17.42
N LEU A 164 -17.47 12.81 17.58
CA LEU A 164 -18.42 11.92 16.93
C LEU A 164 -18.41 12.13 15.43
N VAL A 165 -18.54 11.03 14.71
CA VAL A 165 -18.55 11.03 13.26
C VAL A 165 -19.86 10.39 12.80
N ALA A 166 -20.09 10.42 11.49
CA ALA A 166 -21.31 9.87 10.95
C ALA A 166 -21.53 8.46 11.48
N PRO A 167 -22.73 8.13 11.96
CA PRO A 167 -22.98 6.78 12.45
C PRO A 167 -23.14 5.78 11.31
N MET A 168 -22.85 4.52 11.64
CA MET A 168 -23.06 3.44 10.70
C MET A 168 -24.55 3.32 10.37
N LEU A 169 -24.82 2.61 9.27
CA LEU A 169 -26.19 2.24 8.92
C LEU A 169 -26.75 1.16 9.86
N THR A 170 -25.92 0.55 10.67
CA THR A 170 -26.25 -0.63 11.44
C THR A 170 -25.65 -0.51 12.83
N ARG A 171 -26.37 -1.00 13.84
CA ARG A 171 -25.80 -1.19 15.16
C ARG A 171 -24.92 -2.44 15.16
N ARG A 172 -23.68 -2.33 15.64
CA ARG A 172 -22.75 -3.46 15.51
C ARG A 172 -21.89 -3.61 16.76
N ILE A 173 -22.13 -4.66 17.53
CA ILE A 173 -21.18 -5.13 18.53
C ILE A 173 -20.53 -6.39 17.99
N GLY A 174 -19.31 -6.65 18.45
CA GLY A 174 -18.52 -7.75 17.90
C GLY A 174 -18.19 -7.55 16.44
N VAL A 175 -17.91 -6.32 16.04
CA VAL A 175 -17.68 -5.94 14.65
C VAL A 175 -16.19 -5.98 14.35
N GLY A 176 -15.84 -6.46 13.17
CA GLY A 176 -14.46 -6.39 12.69
C GLY A 176 -14.28 -5.15 11.84
N VAL A 177 -13.14 -4.51 12.00
CA VAL A 177 -12.87 -3.28 11.30
C VAL A 177 -11.54 -3.42 10.59
N ALA A 178 -11.47 -2.90 9.37
CA ALA A 178 -10.24 -2.98 8.62
C ALA A 178 -10.20 -1.79 7.70
N VAL A 179 -9.00 -1.46 7.25
CA VAL A 179 -8.75 -0.27 6.45
C VAL A 179 -8.02 -0.70 5.18
N LEU A 180 -8.50 -0.25 4.02
CA LEU A 180 -7.85 -0.50 2.75
C LEU A 180 -8.00 0.72 1.87
N ASN A 181 -6.89 1.18 1.30
CA ASN A 181 -6.86 2.38 0.46
C ASN A 181 -7.58 3.53 1.13
N ARG A 182 -7.19 3.80 2.38
CA ARG A 182 -7.73 4.93 3.14
C ARG A 182 -9.26 4.87 3.24
N LEU A 183 -9.82 3.66 3.30
CA LEU A 183 -11.24 3.45 3.47
C LEU A 183 -11.46 2.51 4.66
N LEU A 184 -12.49 2.77 5.46
CA LEU A 184 -12.72 2.05 6.71
C LEU A 184 -13.89 1.10 6.52
N TYR A 185 -13.67 -0.18 6.79
CA TYR A 185 -14.70 -1.20 6.63
C TYR A 185 -15.14 -1.74 8.00
N ALA A 186 -16.45 -1.78 8.21
CA ALA A 186 -17.05 -2.45 9.36
C ALA A 186 -17.74 -3.70 8.84
N VAL A 187 -17.42 -4.86 9.43
CA VAL A 187 -17.74 -6.15 8.85
C VAL A 187 -18.44 -7.02 9.89
N GLY A 188 -19.67 -7.47 9.57
CA GLY A 188 -20.33 -8.42 10.47
C GLY A 188 -20.69 -7.81 11.82
N GLY A 189 -20.81 -8.67 12.82
CA GLY A 189 -21.17 -8.24 14.16
C GLY A 189 -22.56 -8.67 14.58
N PHE A 190 -23.09 -7.98 15.60
CA PHE A 190 -24.33 -8.31 16.28
C PHE A 190 -25.07 -7.00 16.59
N ASP A 191 -26.36 -6.91 16.22
CA ASP A 191 -27.12 -5.68 16.39
C ASP A 191 -27.98 -5.67 17.66
N GLY A 192 -27.92 -6.73 18.46
CA GLY A 192 -28.79 -6.90 19.61
C GLY A 192 -29.79 -8.02 19.44
N THR A 193 -30.16 -8.32 18.21
CA THR A 193 -31.10 -9.37 17.86
C THR A 193 -30.58 -10.29 16.76
N ASN A 194 -29.96 -9.74 15.72
CA ASN A 194 -29.47 -10.53 14.60
C ASN A 194 -27.96 -10.48 14.55
N ARG A 195 -27.35 -11.62 14.29
CA ARG A 195 -25.97 -11.66 13.84
C ARG A 195 -25.95 -11.29 12.37
N LEU A 196 -24.82 -10.74 11.91
CA LEU A 196 -24.77 -10.01 10.65
C LEU A 196 -23.76 -10.62 9.70
N ASN A 197 -24.11 -10.63 8.41
CA ASN A 197 -23.15 -10.89 7.35
C ASN A 197 -22.87 -9.63 6.52
N SER A 198 -23.56 -8.53 6.83
CA SER A 198 -23.39 -7.28 6.08
C SER A 198 -22.08 -6.59 6.44
N ALA A 199 -21.61 -5.78 5.51
CA ALA A 199 -20.46 -4.92 5.72
C ALA A 199 -20.79 -3.56 5.13
N GLU A 200 -20.30 -2.51 5.78
CA GLU A 200 -20.50 -1.17 5.28
C GLU A 200 -19.17 -0.44 5.32
N CYS A 201 -19.04 0.56 4.46
CA CYS A 201 -17.76 1.20 4.21
C CYS A 201 -17.87 2.69 4.52
N TYR A 202 -16.89 3.21 5.25
CA TYR A 202 -16.89 4.61 5.67
C TYR A 202 -15.95 5.40 4.77
N TYR A 203 -16.45 6.53 4.24
CA TYR A 203 -15.66 7.38 3.35
C TYR A 203 -15.24 8.63 4.09
N PRO A 204 -13.99 8.73 4.53
CA PRO A 204 -13.61 9.89 5.36
C PRO A 204 -13.95 11.20 4.71
N GLU A 205 -13.60 11.41 3.43
CA GLU A 205 -13.80 12.73 2.85
C GLU A 205 -15.26 13.12 2.80
N ARG A 206 -16.17 12.14 2.71
CA ARG A 206 -17.59 12.46 2.66
C ARG A 206 -18.29 12.34 4.01
N ASN A 207 -17.70 11.62 4.96
CA ASN A 207 -18.35 11.39 6.26
C ASN A 207 -19.69 10.67 6.08
N GLU A 208 -19.66 9.59 5.31
CA GLU A 208 -20.87 8.81 5.04
C GLU A 208 -20.53 7.33 4.96
N TRP A 209 -21.51 6.51 5.32
CA TRP A 209 -21.40 5.05 5.25
C TRP A 209 -22.23 4.55 4.08
N ARG A 210 -21.78 3.48 3.45
CA ARG A 210 -22.59 2.87 2.41
C ARG A 210 -22.36 1.37 2.44
N MET A 211 -23.45 0.60 2.40
CA MET A 211 -23.38 -0.85 2.39
C MET A 211 -22.51 -1.35 1.25
N ILE A 212 -21.85 -2.49 1.49
CA ILE A 212 -21.24 -3.23 0.39
C ILE A 212 -21.87 -4.61 0.30
N THR A 213 -21.33 -5.44 -0.58
CA THR A 213 -21.75 -6.83 -0.68
C THR A 213 -21.59 -7.51 0.68
N ALA A 214 -22.59 -8.29 1.07
CA ALA A 214 -22.51 -8.98 2.32
C ALA A 214 -21.59 -10.20 2.22
N MET A 215 -21.02 -10.60 3.36
CA MET A 215 -20.26 -11.83 3.38
C MET A 215 -21.17 -12.99 3.05
N ASN A 216 -20.55 -14.10 2.69
CA ASN A 216 -21.29 -15.34 2.54
C ASN A 216 -21.81 -15.85 3.88
N THR A 217 -21.09 -15.56 4.97
CA THR A 217 -21.34 -16.18 6.26
C THR A 217 -21.70 -15.10 7.28
N ILE A 218 -22.73 -15.37 8.08
CA ILE A 218 -23.01 -14.52 9.23
C ILE A 218 -21.92 -14.69 10.27
N ARG A 219 -21.35 -13.57 10.74
CA ARG A 219 -20.23 -13.62 11.69
C ARG A 219 -20.28 -12.45 12.65
N SER A 220 -20.49 -12.72 13.93
CA SER A 220 -20.14 -11.74 14.94
C SER A 220 -18.91 -12.24 15.72
N GLY A 221 -18.11 -11.28 16.19
CA GLY A 221 -16.89 -11.63 16.89
C GLY A 221 -15.89 -12.36 16.03
N ALA A 222 -15.85 -12.08 14.72
CA ALA A 222 -14.82 -12.63 13.86
C ALA A 222 -13.59 -11.74 13.95
N GLY A 223 -12.45 -12.31 13.54
CA GLY A 223 -11.24 -11.53 13.36
C GLY A 223 -11.25 -10.98 11.97
N VAL A 224 -11.10 -9.66 11.85
CA VAL A 224 -11.13 -8.97 10.57
C VAL A 224 -9.86 -8.16 10.42
N CYS A 225 -9.19 -8.32 9.28
CA CYS A 225 -7.96 -7.58 9.02
C CYS A 225 -7.80 -7.44 7.50
N VAL A 226 -6.77 -6.70 7.12
CA VAL A 226 -6.33 -6.57 5.74
C VAL A 226 -5.01 -7.32 5.64
N LEU A 227 -4.84 -8.09 4.57
CA LEU A 227 -3.61 -8.83 4.37
C LEU A 227 -2.81 -8.28 3.20
N HIS A 228 -3.40 -8.28 2.01
CA HIS A 228 -2.74 -7.71 0.85
C HIS A 228 -3.73 -6.71 0.29
N ASN A 229 -4.52 -7.07 -0.72
CA ASN A 229 -5.53 -6.16 -1.22
C ASN A 229 -6.92 -6.74 -1.05
N CYS A 230 -7.08 -7.57 -0.02
CA CYS A 230 -8.35 -8.20 0.33
C CYS A 230 -8.65 -7.94 1.80
N ILE A 231 -9.93 -7.85 2.12
CA ILE A 231 -10.41 -7.83 3.49
C ILE A 231 -10.66 -9.28 3.88
N TYR A 232 -10.04 -9.73 4.96
CA TYR A 232 -10.26 -11.09 5.45
C TYR A 232 -11.18 -11.04 6.67
N ALA A 233 -12.04 -12.04 6.78
CA ALA A 233 -12.87 -12.23 7.96
C ALA A 233 -12.76 -13.69 8.34
N ALA A 234 -12.24 -13.95 9.53
CA ALA A 234 -11.96 -15.31 9.99
C ALA A 234 -12.76 -15.60 11.24
N GLY A 235 -13.39 -16.77 11.26
CA GLY A 235 -14.13 -17.24 12.41
C GLY A 235 -15.36 -16.40 12.71
N GLY A 236 -15.68 -16.34 13.98
CA GLY A 236 -16.86 -15.65 14.47
C GLY A 236 -17.88 -16.67 14.95
N TYR A 237 -19.09 -16.17 15.13
CA TYR A 237 -20.23 -16.93 15.61
C TYR A 237 -21.41 -16.51 14.74
N ASP A 238 -22.18 -17.49 14.25
CA ASP A 238 -23.27 -17.20 13.34
C ASP A 238 -24.63 -17.28 14.03
N GLY A 239 -24.66 -17.35 15.35
CA GLY A 239 -25.89 -17.57 16.10
C GLY A 239 -26.19 -19.02 16.42
N GLN A 240 -25.48 -19.97 15.84
CA GLN A 240 -25.62 -21.38 16.21
C GLN A 240 -24.29 -22.05 16.54
N ASP A 241 -23.24 -21.79 15.76
CA ASP A 241 -21.94 -22.40 15.98
C ASP A 241 -20.86 -21.35 15.85
N GLN A 242 -19.75 -21.57 16.56
CA GLN A 242 -18.52 -20.88 16.22
C GLN A 242 -17.98 -21.40 14.90
N LEU A 243 -17.34 -20.53 14.15
CA LEU A 243 -16.94 -20.80 12.78
C LEU A 243 -15.43 -21.00 12.66
N ASN A 244 -15.03 -21.91 11.80
CA ASN A 244 -13.63 -21.96 11.41
C ASN A 244 -13.43 -21.49 9.97
N SER A 245 -14.51 -21.18 9.24
CA SER A 245 -14.35 -20.74 7.86
C SER A 245 -13.78 -19.33 7.81
N VAL A 246 -13.12 -19.03 6.70
CA VAL A 246 -12.49 -17.74 6.44
C VAL A 246 -12.86 -17.33 5.03
N GLU A 247 -13.15 -16.05 4.84
CA GLU A 247 -13.41 -15.54 3.51
C GLU A 247 -12.76 -14.18 3.35
N ARG A 248 -12.57 -13.78 2.09
CA ARG A 248 -11.85 -12.55 1.78
C ARG A 248 -12.61 -11.77 0.73
N TYR A 249 -12.50 -10.44 0.83
CA TYR A 249 -13.23 -9.52 -0.01
C TYR A 249 -12.26 -8.84 -0.96
N ASP A 250 -12.53 -8.94 -2.25
CA ASP A 250 -11.75 -8.26 -3.25
C ASP A 250 -12.52 -7.02 -3.69
N VAL A 251 -11.93 -5.84 -3.46
CA VAL A 251 -12.63 -4.60 -3.76
C VAL A 251 -12.84 -4.41 -5.26
N ALA A 252 -11.90 -4.86 -6.09
CA ALA A 252 -12.03 -4.64 -7.53
C ALA A 252 -13.26 -5.36 -8.07
N THR A 253 -13.45 -6.61 -7.69
CA THR A 253 -14.60 -7.37 -8.14
C THR A 253 -15.79 -7.26 -7.19
N ALA A 254 -15.60 -6.71 -6.00
CA ALA A 254 -16.70 -6.55 -5.05
C ALA A 254 -17.34 -7.90 -4.74
N THR A 255 -16.50 -8.91 -4.51
CA THR A 255 -17.02 -10.24 -4.20
C THR A 255 -16.22 -10.83 -3.05
N TRP A 256 -16.89 -11.69 -2.28
CA TRP A 256 -16.30 -12.43 -1.17
C TRP A 256 -16.07 -13.87 -1.61
N THR A 257 -14.92 -14.44 -1.21
CA THR A 257 -14.51 -15.78 -1.58
C THR A 257 -13.98 -16.52 -0.35
N PHE A 258 -14.39 -17.77 -0.18
CA PHE A 258 -13.83 -18.60 0.88
C PHE A 258 -12.37 -18.98 0.57
N VAL A 259 -11.57 -19.10 1.63
CA VAL A 259 -10.24 -19.67 1.53
C VAL A 259 -10.17 -20.86 2.49
N ALA A 260 -9.00 -21.44 2.65
CA ALA A 260 -8.87 -22.56 3.56
C ALA A 260 -9.37 -22.17 4.95
N PRO A 261 -10.08 -23.06 5.63
CA PRO A 261 -10.53 -22.76 7.00
C PRO A 261 -9.39 -22.89 8.00
N MET A 262 -9.60 -22.31 9.17
CA MET A 262 -8.71 -22.53 10.29
C MET A 262 -8.89 -23.96 10.81
N LYS A 263 -7.96 -24.38 11.67
CA LYS A 263 -8.10 -25.68 12.30
C LYS A 263 -9.12 -25.65 13.43
N HIS A 264 -9.17 -24.55 14.18
CA HIS A 264 -10.07 -24.42 15.33
C HIS A 264 -11.18 -23.43 15.01
N ARG A 265 -12.43 -23.86 15.22
CA ARG A 265 -13.53 -22.89 15.28
C ARG A 265 -13.28 -21.91 16.42
N ARG A 266 -13.46 -20.62 16.14
CA ARG A 266 -13.20 -19.62 17.17
C ARG A 266 -14.02 -18.37 16.92
N SER A 267 -14.56 -17.82 18.00
CA SER A 267 -15.19 -16.51 18.03
C SER A 267 -14.43 -15.64 19.03
N ALA A 268 -14.49 -14.33 18.82
CA ALA A 268 -13.79 -13.39 19.71
C ALA A 268 -12.29 -13.65 19.71
N LEU A 269 -11.76 -13.99 18.54
CA LEU A 269 -10.33 -14.17 18.37
C LEU A 269 -9.67 -12.83 18.12
N GLY A 270 -8.37 -12.80 18.36
CA GLY A 270 -7.54 -11.67 17.99
C GLY A 270 -6.89 -11.99 16.65
N ILE A 271 -6.71 -10.98 15.83
CA ILE A 271 -6.12 -11.16 14.52
C ILE A 271 -5.20 -9.99 14.20
N THR A 272 -4.10 -10.29 13.53
CA THR A 272 -3.24 -9.24 13.01
C THR A 272 -2.40 -9.81 11.88
N VAL A 273 -1.71 -8.92 11.18
CA VAL A 273 -0.87 -9.28 10.05
C VAL A 273 0.58 -8.95 10.38
N HIS A 274 1.47 -9.90 10.14
CA HIS A 274 2.89 -9.73 10.41
C HIS A 274 3.67 -10.30 9.25
N GLN A 275 4.46 -9.45 8.59
CA GLN A 275 5.29 -9.88 7.46
C GLN A 275 4.49 -10.70 6.46
N GLY A 276 3.36 -10.16 6.02
CA GLY A 276 2.60 -10.81 4.97
C GLY A 276 1.97 -12.13 5.34
N ARG A 277 1.69 -12.36 6.62
CA ARG A 277 0.93 -13.52 7.05
C ARG A 277 -0.03 -13.09 8.14
N ILE A 278 -1.17 -13.80 8.22
CA ILE A 278 -2.20 -13.54 9.22
C ILE A 278 -1.96 -14.40 10.44
N TYR A 279 -2.16 -13.83 11.62
CA TYR A 279 -2.19 -14.59 12.86
C TYR A 279 -3.53 -14.42 13.57
N VAL A 280 -4.11 -15.53 14.03
CA VAL A 280 -5.27 -15.53 14.90
C VAL A 280 -4.85 -16.01 16.29
N LEU A 281 -5.31 -15.32 17.33
CA LEU A 281 -4.88 -15.57 18.70
C LEU A 281 -6.10 -15.88 19.57
N GLY A 282 -6.09 -17.03 20.22
CA GLY A 282 -7.12 -17.42 21.18
C GLY A 282 -8.52 -17.49 20.58
N GLY A 283 -9.49 -17.10 21.39
CA GLY A 283 -10.90 -17.17 21.05
C GLY A 283 -11.60 -18.28 21.82
N TYR A 284 -12.87 -18.47 21.49
CA TYR A 284 -13.70 -19.46 22.15
C TYR A 284 -14.33 -20.35 21.10
N ASP A 285 -14.37 -21.66 21.37
CA ASP A 285 -14.86 -22.64 20.41
C ASP A 285 -16.18 -23.27 20.82
N GLY A 286 -16.88 -22.70 21.78
CA GLY A 286 -18.09 -23.32 22.29
C GLY A 286 -17.86 -24.21 23.49
N HIS A 287 -16.62 -24.57 23.79
CA HIS A 287 -16.34 -25.36 24.99
C HIS A 287 -15.21 -24.79 25.82
N THR A 288 -14.14 -24.30 25.20
CA THR A 288 -12.92 -23.93 25.91
C THR A 288 -12.36 -22.64 25.34
N PHE A 289 -11.65 -21.92 26.18
CA PHE A 289 -10.92 -20.72 25.77
C PHE A 289 -9.55 -21.12 25.25
N LEU A 290 -9.30 -20.85 23.97
CA LEU A 290 -8.15 -21.37 23.28
C LEU A 290 -6.89 -20.56 23.57
N ASP A 291 -5.78 -21.27 23.77
CA ASP A 291 -4.46 -20.65 23.69
C ASP A 291 -3.85 -20.84 22.31
N SER A 292 -4.50 -21.61 21.45
CA SER A 292 -4.00 -21.89 20.12
C SER A 292 -3.77 -20.62 19.31
N VAL A 293 -2.66 -20.59 18.58
CA VAL A 293 -2.36 -19.52 17.65
C VAL A 293 -2.13 -20.17 16.29
N GLU A 294 -2.98 -19.83 15.32
CA GLU A 294 -2.86 -20.34 13.96
C GLU A 294 -2.32 -19.24 13.06
N CYS A 295 -1.61 -19.65 12.01
CA CYS A 295 -0.97 -18.75 11.08
C CYS A 295 -1.34 -19.15 9.65
N TYR A 296 -1.78 -18.17 8.86
CA TYR A 296 -2.24 -18.44 7.51
C TYR A 296 -1.18 -17.96 6.51
N ASP A 297 -0.78 -18.85 5.61
CA ASP A 297 0.13 -18.51 4.53
C ASP A 297 -0.69 -18.36 3.25
N PRO A 298 -0.82 -17.15 2.69
CA PRO A 298 -1.69 -17.01 1.51
C PRO A 298 -1.13 -17.68 0.27
N ASP A 299 0.20 -17.71 0.10
CA ASP A 299 0.76 -18.34 -1.09
C ASP A 299 0.35 -19.80 -1.19
N THR A 300 0.27 -20.48 -0.06
CA THR A 300 -0.14 -21.88 -0.05
C THR A 300 -1.60 -22.08 0.34
N ASP A 301 -2.29 -21.04 0.80
CA ASP A 301 -3.66 -21.17 1.30
C ASP A 301 -3.74 -22.27 2.37
N THR A 302 -2.88 -22.14 3.39
CA THR A 302 -2.81 -23.13 4.45
C THR A 302 -2.68 -22.47 5.81
N TRP A 303 -3.23 -23.14 6.82
CA TRP A 303 -3.13 -22.73 8.20
C TRP A 303 -2.30 -23.75 8.97
N SER A 304 -1.45 -23.26 9.86
CA SER A 304 -0.72 -24.15 10.75
C SER A 304 -0.73 -23.55 12.15
N GLU A 305 -0.89 -24.41 13.15
CA GLU A 305 -0.70 -24.00 14.52
C GLU A 305 0.76 -23.58 14.70
N VAL A 306 0.96 -22.38 15.23
CA VAL A 306 2.31 -21.82 15.31
C VAL A 306 2.82 -21.74 16.74
N THR A 307 1.95 -21.59 17.72
CA THR A 307 2.35 -21.56 19.12
C THR A 307 1.08 -21.68 19.96
N ARG A 308 1.28 -21.66 21.28
CA ARG A 308 0.21 -21.51 22.24
C ARG A 308 0.49 -20.28 23.07
N MET A 309 -0.56 -19.53 23.40
CA MET A 309 -0.40 -18.45 24.33
C MET A 309 -0.07 -19.03 25.70
N THR A 310 0.50 -18.20 26.58
CA THR A 310 0.83 -18.65 27.92
C THR A 310 -0.40 -19.12 28.68
N SER A 311 -1.59 -18.72 28.23
CA SER A 311 -2.83 -19.15 28.83
C SER A 311 -3.95 -18.86 27.85
N GLY A 312 -4.99 -19.70 27.86
CA GLY A 312 -6.10 -19.52 26.95
C GLY A 312 -6.89 -18.28 27.30
N ARG A 313 -7.44 -17.64 26.27
CA ARG A 313 -8.20 -16.41 26.46
C ARG A 313 -8.94 -16.09 25.18
N SER A 314 -9.91 -15.18 25.30
CA SER A 314 -10.65 -14.63 24.17
C SER A 314 -10.82 -13.14 24.40
N GLY A 315 -11.31 -12.46 23.36
CA GLY A 315 -11.65 -11.05 23.47
C GLY A 315 -10.47 -10.13 23.69
N VAL A 316 -9.31 -10.45 23.08
CA VAL A 316 -8.09 -9.65 23.22
C VAL A 316 -8.04 -8.50 22.22
N GLY A 317 -7.19 -7.53 22.53
CA GLY A 317 -6.73 -6.54 21.57
C GLY A 317 -5.36 -6.94 21.05
N VAL A 318 -5.11 -6.70 19.77
CA VAL A 318 -3.90 -7.16 19.11
C VAL A 318 -3.46 -6.13 18.08
N ALA A 319 -2.14 -5.89 18.03
CA ALA A 319 -1.53 -5.03 17.02
C ALA A 319 -0.04 -5.36 16.96
N VAL A 320 0.65 -4.72 16.00
CA VAL A 320 2.05 -5.00 15.75
C VAL A 320 2.83 -3.69 15.76
N THR A 321 3.95 -3.68 16.48
CA THR A 321 4.88 -2.55 16.49
C THR A 321 6.26 -3.02 16.97
N GLY B 37 18.68 16.69 2.46
CA GLY B 37 18.39 17.27 1.15
C GLY B 37 18.33 16.24 0.02
N ARG B 38 17.36 16.38 -0.87
CA ARG B 38 17.13 15.42 -1.94
C ARG B 38 17.09 16.14 -3.28
N LEU B 39 17.66 15.51 -4.30
CA LEU B 39 17.76 16.12 -5.61
C LEU B 39 17.03 15.27 -6.65
N ILE B 40 16.74 15.89 -7.79
CA ILE B 40 16.15 15.20 -8.93
C ILE B 40 17.27 14.78 -9.88
N TYR B 41 17.44 13.48 -10.04
CA TYR B 41 18.50 12.97 -10.90
C TYR B 41 17.94 12.59 -12.26
N THR B 42 18.60 13.04 -13.32
CA THR B 42 18.33 12.60 -14.68
C THR B 42 19.55 11.86 -15.20
N ALA B 43 19.33 10.66 -15.72
CA ALA B 43 20.39 9.79 -16.24
C ALA B 43 20.10 9.45 -17.70
N GLY B 44 21.13 9.53 -18.54
CA GLY B 44 21.02 9.16 -19.92
C GLY B 44 20.08 10.08 -20.68
N GLY B 45 19.49 9.54 -21.74
CA GLY B 45 18.65 10.30 -22.64
C GLY B 45 19.20 10.28 -24.06
N TYR B 46 18.56 11.06 -24.91
CA TYR B 46 18.89 11.07 -26.31
C TYR B 46 18.87 12.48 -26.85
N PHE B 47 19.92 12.83 -27.58
CA PHE B 47 19.93 14.05 -28.40
C PHE B 47 20.95 13.79 -29.51
N ARG B 48 20.46 13.43 -30.70
CA ARG B 48 21.33 13.08 -31.82
C ARG B 48 22.02 11.74 -31.63
N GLN B 49 22.32 11.40 -30.39
CA GLN B 49 22.73 10.04 -30.06
C GLN B 49 22.36 9.80 -28.61
N SER B 50 22.54 8.56 -28.16
CA SER B 50 22.33 8.23 -26.76
C SER B 50 23.41 8.86 -25.88
N LEU B 51 23.03 9.19 -24.65
CA LEU B 51 23.83 10.06 -23.79
C LEU B 51 24.20 9.34 -22.51
N SER B 52 25.31 9.80 -21.91
CA SER B 52 25.87 9.28 -20.67
C SER B 52 25.63 10.17 -19.46
N TYR B 53 25.01 11.33 -19.65
CA TYR B 53 24.92 12.33 -18.58
C TYR B 53 24.20 11.80 -17.34
N LEU B 54 24.78 12.07 -16.17
CA LEU B 54 24.06 12.01 -14.90
C LEU B 54 24.12 13.41 -14.31
N GLU B 55 22.96 14.06 -14.18
CA GLU B 55 22.86 15.42 -13.63
C GLU B 55 21.76 15.43 -12.58
N ALA B 56 21.95 16.27 -11.56
CA ALA B 56 20.99 16.33 -10.47
C ALA B 56 20.56 17.78 -10.26
N TYR B 57 19.26 18.00 -10.14
CA TYR B 57 18.71 19.34 -10.04
C TYR B 57 18.30 19.62 -8.60
N ASN B 58 18.67 20.81 -8.13
CA ASN B 58 18.31 21.25 -6.78
C ASN B 58 17.12 22.19 -6.90
N PRO B 59 15.91 21.76 -6.56
CA PRO B 59 14.75 22.65 -6.68
C PRO B 59 14.83 23.89 -5.80
N SER B 60 15.67 23.89 -4.77
CA SER B 60 15.78 25.06 -3.90
C SER B 60 16.70 26.13 -4.47
N ASP B 61 17.94 25.76 -4.79
CA ASP B 61 18.93 26.73 -5.24
C ASP B 61 19.06 26.80 -6.75
N GLY B 62 18.36 25.92 -7.49
CA GLY B 62 18.28 25.97 -8.94
C GLY B 62 19.44 25.35 -9.71
N THR B 63 20.45 24.81 -9.03
CA THR B 63 21.66 24.35 -9.68
C THR B 63 21.47 23.00 -10.36
N TRP B 64 22.22 22.78 -11.42
CA TRP B 64 22.41 21.45 -11.99
C TRP B 64 23.80 20.96 -11.62
N LEU B 65 23.88 19.76 -11.10
CA LEU B 65 25.15 19.19 -10.66
C LEU B 65 25.56 18.07 -11.61
N ARG B 66 26.78 18.14 -12.11
CA ARG B 66 27.26 17.17 -13.08
C ARG B 66 27.97 16.07 -12.29
N LEU B 67 27.50 14.83 -12.46
CA LEU B 67 27.97 13.69 -11.69
C LEU B 67 28.59 12.67 -12.63
N ALA B 68 28.93 11.49 -12.10
CA ALA B 68 29.65 10.51 -12.91
C ALA B 68 28.79 10.03 -14.07
N ASP B 69 29.38 10.02 -15.27
CA ASP B 69 28.74 9.48 -16.46
C ASP B 69 28.35 8.02 -16.26
N LEU B 70 27.22 7.62 -16.85
CA LEU B 70 26.93 6.21 -17.01
C LEU B 70 28.07 5.51 -17.72
N GLN B 71 28.29 4.25 -17.36
CA GLN B 71 29.31 3.45 -18.03
C GLN B 71 29.10 3.42 -19.54
N VAL B 72 27.84 3.30 -19.97
CA VAL B 72 27.42 3.18 -21.36
C VAL B 72 26.32 4.20 -21.65
N PRO B 73 26.42 4.99 -22.71
CA PRO B 73 25.30 5.90 -23.04
C PRO B 73 24.01 5.11 -23.34
N ARG B 74 22.89 5.65 -22.88
CA ARG B 74 21.61 4.97 -22.97
C ARG B 74 20.46 5.96 -23.11
N SER B 75 19.57 5.73 -24.07
CA SER B 75 18.28 6.40 -24.06
C SER B 75 17.22 5.35 -23.86
N GLY B 76 16.02 5.79 -23.45
CA GLY B 76 14.91 4.89 -23.26
C GLY B 76 14.99 4.02 -22.03
N LEU B 77 15.81 4.41 -21.06
CA LEU B 77 15.93 3.73 -19.78
C LEU B 77 14.94 4.35 -18.81
N ALA B 78 14.77 3.69 -17.68
CA ALA B 78 13.98 4.23 -16.58
C ALA B 78 14.88 4.30 -15.35
N GLY B 79 14.51 5.19 -14.43
CA GLY B 79 15.25 5.34 -13.19
C GLY B 79 14.35 5.04 -12.00
N CYS B 80 14.97 4.60 -10.91
CA CYS B 80 14.24 4.37 -9.67
C CYS B 80 15.26 4.38 -8.55
N VAL B 81 14.75 4.33 -7.33
CA VAL B 81 15.58 4.38 -6.13
C VAL B 81 15.13 3.30 -5.17
N VAL B 82 16.07 2.45 -4.75
CA VAL B 82 15.85 1.49 -3.67
C VAL B 82 16.95 1.70 -2.64
N GLY B 83 16.57 1.84 -1.38
CA GLY B 83 17.57 2.03 -0.33
C GLY B 83 18.55 3.15 -0.61
N GLY B 84 18.06 4.25 -1.17
CA GLY B 84 18.92 5.40 -1.42
C GLY B 84 19.87 5.26 -2.58
N LEU B 85 19.91 4.12 -3.25
CA LEU B 85 20.71 3.96 -4.45
C LEU B 85 19.87 4.24 -5.70
N LEU B 86 20.46 4.95 -6.66
CA LEU B 86 19.79 5.24 -7.92
C LEU B 86 20.09 4.14 -8.93
N TYR B 87 19.06 3.55 -9.52
CA TYR B 87 19.24 2.50 -10.51
C TYR B 87 18.84 3.02 -11.89
N ALA B 88 19.59 2.61 -12.91
CA ALA B 88 19.29 2.92 -14.31
C ALA B 88 19.03 1.59 -15.01
N VAL B 89 17.85 1.45 -15.61
CA VAL B 89 17.35 0.15 -16.07
C VAL B 89 17.10 0.17 -17.57
N GLY B 90 17.71 -0.77 -18.28
CA GLY B 90 17.41 -1.03 -19.67
C GLY B 90 17.78 0.16 -20.55
N GLY B 91 16.99 0.35 -21.62
CA GLY B 91 17.22 1.41 -22.59
C GLY B 91 17.95 0.94 -23.83
N ARG B 92 18.70 1.84 -24.49
CA ARG B 92 19.30 1.48 -25.77
C ARG B 92 20.46 2.42 -26.07
N ASN B 93 21.51 1.88 -26.67
CA ASN B 93 22.64 2.70 -27.06
C ASN B 93 22.55 3.00 -28.55
N ASN B 94 22.05 4.18 -28.88
CA ASN B 94 22.08 4.74 -30.22
C ASN B 94 23.40 5.50 -30.32
N SER B 95 24.31 4.99 -31.12
CA SER B 95 25.60 5.64 -31.23
C SER B 95 26.05 5.63 -32.69
N PRO B 96 27.03 6.46 -33.03
CA PRO B 96 27.54 6.45 -34.41
C PRO B 96 28.10 5.10 -34.86
N ASP B 97 28.33 4.14 -33.96
CA ASP B 97 28.92 2.87 -34.35
C ASP B 97 27.93 1.73 -34.40
N GLY B 98 26.75 1.91 -33.85
CA GLY B 98 25.78 0.84 -33.82
C GLY B 98 24.61 1.25 -32.97
N ASN B 99 23.62 0.38 -32.95
CA ASN B 99 22.39 0.61 -32.18
C ASN B 99 22.04 -0.70 -31.51
N THR B 100 22.20 -0.74 -30.19
CA THR B 100 21.96 -1.94 -29.42
C THR B 100 21.01 -1.66 -28.26
N ASP B 101 19.97 -2.47 -28.15
CA ASP B 101 19.15 -2.46 -26.95
C ASP B 101 19.95 -3.00 -25.78
N SER B 102 19.54 -2.61 -24.57
CA SER B 102 20.28 -2.88 -23.34
C SER B 102 19.43 -3.69 -22.36
N SER B 103 20.02 -4.75 -21.81
CA SER B 103 19.43 -5.43 -20.66
C SER B 103 20.02 -4.97 -19.33
N ALA B 104 20.87 -3.94 -19.35
CA ALA B 104 21.73 -3.67 -18.21
C ALA B 104 20.98 -3.06 -17.04
N LEU B 105 21.39 -3.45 -15.84
CA LEU B 105 21.02 -2.79 -14.60
C LEU B 105 22.28 -2.20 -13.99
N ASP B 106 22.26 -0.91 -13.69
CA ASP B 106 23.42 -0.22 -13.17
C ASP B 106 23.02 0.64 -11.97
N CYS B 107 23.95 0.76 -11.03
CA CYS B 107 23.65 1.28 -9.71
C CYS B 107 24.59 2.43 -9.38
N TYR B 108 23.99 3.57 -9.01
CA TYR B 108 24.75 4.77 -8.70
C TYR B 108 24.58 5.08 -7.22
N ASN B 109 25.71 5.29 -6.53
CA ASN B 109 25.72 5.61 -5.11
C ASN B 109 26.12 7.06 -4.90
N PRO B 110 25.22 7.91 -4.39
CA PRO B 110 25.58 9.32 -4.19
C PRO B 110 26.65 9.51 -3.15
N MET B 111 26.86 8.54 -2.25
CA MET B 111 27.91 8.69 -1.24
C MET B 111 29.29 8.64 -1.87
N THR B 112 29.41 7.95 -2.99
CA THR B 112 30.69 7.74 -3.65
C THR B 112 30.77 8.36 -5.04
N ASN B 113 29.66 8.80 -5.61
CA ASN B 113 29.65 9.33 -6.97
C ASN B 113 30.28 8.32 -7.91
N GLN B 114 29.85 7.08 -7.79
CA GLN B 114 30.35 5.97 -8.58
C GLN B 114 29.20 5.06 -8.98
N TRP B 115 29.26 4.59 -10.23
CA TRP B 115 28.34 3.60 -10.77
C TRP B 115 28.91 2.21 -10.59
N SER B 116 28.04 1.25 -10.27
CA SER B 116 28.39 -0.16 -10.18
C SER B 116 27.42 -0.96 -11.04
N PRO B 117 27.91 -1.84 -11.91
CA PRO B 117 27.00 -2.74 -12.63
C PRO B 117 26.30 -3.72 -11.69
N CYS B 118 25.09 -4.11 -12.08
CA CYS B 118 24.32 -5.13 -11.40
C CYS B 118 24.05 -6.26 -12.40
N ALA B 119 23.41 -7.31 -11.90
CA ALA B 119 23.01 -8.40 -12.78
C ALA B 119 22.05 -7.86 -13.84
N PRO B 120 22.16 -8.29 -15.09
CA PRO B 120 21.26 -7.78 -16.13
C PRO B 120 19.93 -8.52 -16.16
N MET B 121 18.95 -7.85 -16.76
CA MET B 121 17.68 -8.49 -17.03
C MET B 121 17.85 -9.64 -18.02
N SER B 122 16.82 -10.48 -18.11
CA SER B 122 16.90 -11.63 -19.00
C SER B 122 16.84 -11.22 -20.48
N VAL B 123 16.26 -10.07 -20.79
CA VAL B 123 16.24 -9.57 -22.16
C VAL B 123 16.45 -8.08 -22.16
N PRO B 124 17.05 -7.53 -23.21
CA PRO B 124 17.11 -6.07 -23.34
C PRO B 124 15.71 -5.48 -23.45
N ARG B 125 15.55 -4.25 -22.91
CA ARG B 125 14.25 -3.57 -22.83
C ARG B 125 14.45 -2.08 -23.13
N ASN B 126 14.27 -1.70 -24.40
CA ASN B 126 14.26 -0.30 -24.74
C ASN B 126 12.86 0.27 -24.50
N ARG B 127 12.82 1.54 -24.08
CA ARG B 127 11.54 2.20 -23.72
C ARG B 127 10.81 1.39 -22.67
N ILE B 128 11.59 0.97 -21.67
CA ILE B 128 11.13 0.25 -20.49
C ILE B 128 10.32 1.14 -19.56
N GLY B 129 9.41 0.52 -18.83
CA GLY B 129 8.83 1.11 -17.63
C GLY B 129 9.23 0.28 -16.42
N VAL B 130 9.22 0.93 -15.24
CA VAL B 130 9.81 0.41 -14.02
C VAL B 130 9.01 0.87 -12.80
N GLY B 131 8.89 -0.01 -11.80
CA GLY B 131 8.30 0.37 -10.52
C GLY B 131 8.90 -0.41 -9.37
N VAL B 132 8.71 0.11 -8.15
CA VAL B 132 9.33 -0.46 -6.95
C VAL B 132 8.26 -0.87 -5.94
N ILE B 133 8.29 -2.13 -5.51
CA ILE B 133 7.39 -2.62 -4.47
C ILE B 133 8.18 -3.45 -3.47
N ASP B 134 8.09 -3.10 -2.18
CA ASP B 134 8.80 -3.84 -1.13
C ASP B 134 10.30 -3.97 -1.43
N GLY B 135 10.88 -2.90 -1.94
CA GLY B 135 12.31 -2.95 -2.17
C GLY B 135 12.77 -3.77 -3.34
N HIS B 136 11.87 -4.22 -4.21
CA HIS B 136 12.22 -4.92 -5.43
C HIS B 136 11.89 -4.05 -6.63
N ILE B 137 12.70 -4.16 -7.69
CA ILE B 137 12.48 -3.39 -8.90
C ILE B 137 11.74 -4.26 -9.92
N TYR B 138 10.62 -3.75 -10.44
CA TYR B 138 9.86 -4.44 -11.47
C TYR B 138 10.16 -3.79 -12.81
N ALA B 139 10.60 -4.62 -13.76
CA ALA B 139 10.90 -4.19 -15.13
C ALA B 139 9.76 -4.65 -16.03
N VAL B 140 9.15 -3.69 -16.75
CA VAL B 140 7.87 -3.90 -17.43
C VAL B 140 8.04 -3.54 -18.90
N GLY B 141 7.78 -4.50 -19.78
CA GLY B 141 7.62 -4.18 -21.20
C GLY B 141 8.91 -3.81 -21.89
N GLY B 142 8.82 -2.86 -22.81
CA GLY B 142 9.97 -2.46 -23.60
C GLY B 142 10.09 -3.28 -24.86
N SER B 143 11.08 -2.92 -25.68
CA SER B 143 11.29 -3.60 -26.94
C SER B 143 12.73 -4.11 -27.02
N HIS B 144 12.90 -5.10 -27.91
CA HIS B 144 14.20 -5.64 -28.28
C HIS B 144 14.12 -5.86 -29.79
N GLY B 145 14.73 -4.98 -30.54
CA GLY B 145 14.51 -5.05 -31.98
C GLY B 145 13.02 -4.96 -32.24
N CYS B 146 12.53 -5.90 -33.05
CA CYS B 146 11.12 -5.97 -33.38
C CYS B 146 10.26 -6.62 -32.31
N ILE B 147 10.84 -7.24 -31.30
CA ILE B 147 10.08 -7.91 -30.26
C ILE B 147 9.49 -6.84 -29.35
N HIS B 148 8.17 -6.87 -29.16
CA HIS B 148 7.47 -5.94 -28.28
C HIS B 148 7.11 -6.72 -27.04
N HIS B 149 7.72 -6.39 -25.91
CA HIS B 149 7.57 -7.24 -24.74
C HIS B 149 6.22 -7.08 -24.06
N ASN B 150 5.67 -8.21 -23.59
CA ASN B 150 4.69 -8.20 -22.52
C ASN B 150 5.25 -8.84 -21.26
N SER B 151 6.48 -9.34 -21.30
CA SER B 151 7.04 -9.94 -20.10
C SER B 151 7.46 -8.87 -19.08
N VAL B 152 7.52 -9.32 -17.84
CA VAL B 152 7.84 -8.52 -16.66
C VAL B 152 8.73 -9.34 -15.75
N GLU B 153 9.73 -8.71 -15.17
CA GLU B 153 10.64 -9.42 -14.26
C GLU B 153 10.96 -8.54 -13.05
N ARG B 154 11.36 -9.19 -11.97
CA ARG B 154 11.59 -8.54 -10.69
C ARG B 154 13.04 -8.71 -10.24
N TYR B 155 13.63 -7.63 -9.72
CA TYR B 155 15.02 -7.63 -9.27
C TYR B 155 15.04 -7.54 -7.76
N GLU B 156 15.86 -8.39 -7.15
CA GLU B 156 16.06 -8.38 -5.69
C GLU B 156 17.44 -7.87 -5.35
N PRO B 157 17.58 -6.60 -4.97
CA PRO B 157 18.92 -6.07 -4.67
C PRO B 157 19.73 -6.87 -3.65
N GLU B 158 19.08 -7.56 -2.73
CA GLU B 158 19.85 -8.23 -1.70
C GLU B 158 20.49 -9.51 -2.19
N ARG B 159 20.08 -10.01 -3.35
CA ARG B 159 20.68 -11.19 -3.94
C ARG B 159 21.30 -10.91 -5.29
N ASP B 160 21.10 -9.70 -5.84
CA ASP B 160 21.55 -9.38 -7.19
C ASP B 160 21.01 -10.42 -8.17
N GLU B 161 19.69 -10.59 -8.16
CA GLU B 161 19.03 -11.59 -9.00
C GLU B 161 17.77 -11.01 -9.62
N TRP B 162 17.55 -11.35 -10.89
CA TRP B 162 16.31 -11.08 -11.59
C TRP B 162 15.50 -12.37 -11.71
N HIS B 163 14.17 -12.24 -11.63
CA HIS B 163 13.29 -13.38 -11.84
C HIS B 163 12.05 -12.95 -12.60
N LEU B 164 11.64 -13.75 -13.57
CA LEU B 164 10.46 -13.46 -14.36
C LEU B 164 9.18 -13.67 -13.56
N VAL B 165 8.20 -12.79 -13.78
CA VAL B 165 6.89 -12.93 -13.14
C VAL B 165 5.83 -13.02 -14.24
N ALA B 166 4.57 -13.17 -13.87
CA ALA B 166 3.50 -13.28 -14.86
C ALA B 166 3.61 -12.13 -15.88
N PRO B 167 3.48 -12.41 -17.16
CA PRO B 167 3.53 -11.35 -18.18
C PRO B 167 2.25 -10.53 -18.21
N MET B 168 2.35 -9.32 -18.74
CA MET B 168 1.17 -8.47 -18.87
C MET B 168 0.16 -9.09 -19.84
N LEU B 169 -1.06 -8.55 -19.80
CA LEU B 169 -2.05 -8.93 -20.78
C LEU B 169 -1.74 -8.34 -22.14
N THR B 170 -0.78 -7.41 -22.23
CA THR B 170 -0.57 -6.59 -23.42
C THR B 170 0.92 -6.39 -23.65
N ARG B 171 1.34 -6.39 -24.90
CA ARG B 171 2.70 -5.96 -25.22
C ARG B 171 2.76 -4.43 -25.16
N ARG B 172 3.72 -3.89 -24.42
CA ARG B 172 3.75 -2.46 -24.19
C ARG B 172 5.19 -1.96 -24.27
N ILE B 173 5.48 -1.23 -25.34
CA ILE B 173 6.69 -0.43 -25.48
C ILE B 173 6.33 1.01 -25.12
N GLY B 174 7.29 1.72 -24.55
CA GLY B 174 7.01 3.08 -24.11
C GLY B 174 5.90 3.16 -23.07
N VAL B 175 5.90 2.23 -22.11
CA VAL B 175 4.83 2.07 -21.15
C VAL B 175 5.14 2.88 -19.89
N GLY B 176 4.11 3.48 -19.29
CA GLY B 176 4.25 4.15 -18.01
C GLY B 176 3.93 3.19 -16.87
N VAL B 177 4.68 3.31 -15.79
CA VAL B 177 4.55 2.41 -14.64
C VAL B 177 4.51 3.24 -13.37
N ALA B 178 3.64 2.83 -12.44
CA ALA B 178 3.52 3.47 -11.15
C ALA B 178 3.04 2.44 -10.13
N VAL B 179 3.31 2.72 -8.88
CA VAL B 179 2.97 1.81 -7.78
C VAL B 179 2.11 2.55 -6.79
N LEU B 180 0.97 1.95 -6.46
CA LEU B 180 0.01 2.54 -5.54
C LEU B 180 -0.49 1.41 -4.67
N ASN B 181 -0.40 1.60 -3.35
CA ASN B 181 -0.79 0.57 -2.39
C ASN B 181 -0.20 -0.78 -2.79
N ARG B 182 1.12 -0.79 -2.98
CA ARG B 182 1.86 -2.02 -3.25
C ARG B 182 1.27 -2.80 -4.42
N LEU B 183 0.70 -2.08 -5.38
CA LEU B 183 0.21 -2.67 -6.63
C LEU B 183 0.85 -1.94 -7.79
N LEU B 184 1.21 -2.70 -8.83
CA LEU B 184 2.00 -2.18 -9.94
C LEU B 184 1.11 -1.94 -11.14
N TYR B 185 1.09 -0.72 -11.64
CA TYR B 185 0.24 -0.34 -12.76
C TYR B 185 1.05 -0.10 -14.02
N ALA B 186 0.64 -0.75 -15.12
CA ALA B 186 1.18 -0.47 -16.44
C ALA B 186 0.11 0.25 -17.28
N VAL B 187 0.49 1.42 -17.82
CA VAL B 187 -0.41 2.43 -18.37
C VAL B 187 0.06 2.80 -19.77
N GLY B 188 -0.84 2.71 -20.77
CA GLY B 188 -0.48 3.19 -22.10
C GLY B 188 0.62 2.38 -22.77
N GLY B 189 1.30 3.03 -23.71
CA GLY B 189 2.36 2.38 -24.47
C GLY B 189 1.96 2.06 -25.90
N PHE B 190 2.74 1.16 -26.51
CA PHE B 190 2.71 0.84 -27.92
C PHE B 190 2.92 -0.67 -28.09
N ASP B 191 2.03 -1.34 -28.82
CA ASP B 191 2.08 -2.80 -28.91
C ASP B 191 2.79 -3.28 -30.16
N GLY B 192 3.37 -2.37 -30.95
CA GLY B 192 4.00 -2.70 -32.21
C GLY B 192 3.21 -2.22 -33.40
N THR B 193 1.90 -2.07 -33.25
CA THR B 193 0.98 -1.62 -34.28
C THR B 193 0.09 -0.49 -33.80
N ASN B 194 -0.44 -0.60 -32.58
CA ASN B 194 -1.37 0.36 -32.00
C ASN B 194 -0.77 1.03 -30.77
N ARG B 195 -0.96 2.34 -30.69
CA ARG B 195 -0.74 3.05 -29.44
C ARG B 195 -1.95 2.88 -28.54
N LEU B 196 -1.73 2.89 -27.23
CA LEU B 196 -2.67 2.31 -26.28
C LEU B 196 -3.17 3.33 -25.28
N ASN B 197 -4.44 3.23 -24.92
CA ASN B 197 -4.95 3.93 -23.75
C ASN B 197 -5.31 2.99 -22.61
N SER B 198 -5.18 1.68 -22.80
CA SER B 198 -5.54 0.75 -21.76
C SER B 198 -4.48 0.74 -20.65
N ALA B 199 -4.90 0.29 -19.46
CA ALA B 199 -4.04 0.15 -18.30
C ALA B 199 -4.36 -1.17 -17.61
N GLU B 200 -3.33 -1.79 -17.03
CA GLU B 200 -3.52 -3.03 -16.28
C GLU B 200 -2.75 -2.98 -14.96
N CYS B 201 -3.21 -3.79 -14.03
CA CYS B 201 -2.75 -3.77 -12.65
C CYS B 201 -2.21 -5.13 -12.26
N TYR B 202 -1.01 -5.16 -11.69
CA TYR B 202 -0.33 -6.37 -11.28
C TYR B 202 -0.43 -6.56 -9.77
N TYR B 203 -0.83 -7.76 -9.35
CA TYR B 203 -0.97 -8.10 -7.94
C TYR B 203 0.19 -8.98 -7.54
N PRO B 204 1.22 -8.45 -6.86
CA PRO B 204 2.39 -9.30 -6.54
C PRO B 204 2.01 -10.57 -5.81
N GLU B 205 1.16 -10.48 -4.79
CA GLU B 205 0.84 -11.65 -3.99
C GLU B 205 0.15 -12.72 -4.82
N ARG B 206 -0.54 -12.30 -5.88
CA ARG B 206 -1.27 -13.21 -6.77
C ARG B 206 -0.46 -13.59 -7.99
N ASN B 207 0.52 -12.78 -8.37
CA ASN B 207 1.28 -12.98 -9.60
C ASN B 207 0.35 -13.00 -10.81
N GLU B 208 -0.54 -12.02 -10.86
CA GLU B 208 -1.48 -11.96 -11.97
C GLU B 208 -1.81 -10.51 -12.30
N TRP B 209 -2.14 -10.29 -13.56
CA TRP B 209 -2.49 -8.98 -14.07
C TRP B 209 -4.00 -8.91 -14.29
N ARG B 210 -4.54 -7.70 -14.20
CA ARG B 210 -5.95 -7.40 -14.37
C ARG B 210 -6.12 -6.07 -15.08
N MET B 211 -6.94 -6.04 -16.13
CA MET B 211 -7.28 -4.75 -16.75
C MET B 211 -7.95 -3.87 -15.72
N ILE B 212 -7.69 -2.57 -15.83
CA ILE B 212 -8.48 -1.57 -15.11
C ILE B 212 -9.13 -0.66 -16.14
N THR B 213 -9.87 0.33 -15.68
CA THR B 213 -10.41 1.33 -16.59
C THR B 213 -9.29 1.91 -17.45
N ALA B 214 -9.56 2.08 -18.73
CA ALA B 214 -8.60 2.66 -19.66
C ALA B 214 -8.54 4.18 -19.48
N MET B 215 -7.42 4.78 -19.89
CA MET B 215 -7.32 6.23 -19.87
C MET B 215 -8.32 6.86 -20.84
N ASN B 216 -8.55 8.16 -20.66
CA ASN B 216 -9.33 8.89 -21.63
C ASN B 216 -8.60 8.97 -22.97
N THR B 217 -7.28 9.11 -22.93
CA THR B 217 -6.42 9.46 -24.06
C THR B 217 -5.39 8.37 -24.31
N ILE B 218 -5.20 8.02 -25.58
CA ILE B 218 -4.14 7.12 -25.99
C ILE B 218 -2.78 7.79 -25.80
N ARG B 219 -1.84 7.09 -25.15
CA ARG B 219 -0.51 7.62 -24.83
C ARG B 219 0.54 6.51 -24.88
N SER B 220 1.54 6.65 -25.74
CA SER B 220 2.79 5.94 -25.54
C SER B 220 3.87 6.95 -25.17
N GLY B 221 4.81 6.51 -24.33
CA GLY B 221 5.85 7.42 -23.87
C GLY B 221 5.35 8.59 -23.05
N ALA B 222 4.31 8.39 -22.25
CA ALA B 222 3.90 9.40 -21.30
C ALA B 222 4.71 9.27 -20.00
N GLY B 223 4.67 10.32 -19.20
CA GLY B 223 5.19 10.25 -17.84
C GLY B 223 4.08 9.78 -16.92
N VAL B 224 4.35 8.73 -16.16
CA VAL B 224 3.39 8.16 -15.25
C VAL B 224 4.03 8.07 -13.87
N CYS B 225 3.32 8.54 -12.84
CA CYS B 225 3.87 8.50 -11.49
C CYS B 225 2.69 8.48 -10.52
N VAL B 226 2.99 8.31 -9.25
CA VAL B 226 1.97 8.43 -8.21
C VAL B 226 2.31 9.66 -7.38
N LEU B 227 1.33 10.55 -7.23
CA LEU B 227 1.43 11.73 -6.37
C LEU B 227 0.30 11.64 -5.36
N HIS B 228 0.66 11.52 -4.09
CA HIS B 228 -0.29 11.39 -3.01
C HIS B 228 -1.02 10.06 -3.16
N ASN B 229 -2.30 10.03 -3.54
CA ASN B 229 -2.94 8.74 -3.77
C ASN B 229 -3.53 8.61 -5.16
N CYS B 230 -2.97 9.30 -6.14
CA CYS B 230 -3.47 9.21 -7.49
C CYS B 230 -2.32 8.87 -8.42
N ILE B 231 -2.63 8.13 -9.48
CA ILE B 231 -1.70 7.89 -10.56
C ILE B 231 -1.92 8.96 -11.61
N TYR B 232 -0.85 9.68 -11.94
CA TYR B 232 -0.90 10.70 -12.96
C TYR B 232 -0.28 10.15 -14.23
N ALA B 233 -0.84 10.54 -15.38
CA ALA B 233 -0.28 10.23 -16.69
C ALA B 233 -0.24 11.54 -17.46
N ALA B 234 0.98 11.97 -17.82
CA ALA B 234 1.25 13.28 -18.42
C ALA B 234 1.87 13.12 -19.80
N GLY B 235 1.35 13.86 -20.76
CA GLY B 235 1.95 13.87 -22.09
C GLY B 235 1.87 12.53 -22.80
N GLY B 236 2.87 12.28 -23.65
CA GLY B 236 2.91 11.09 -24.47
C GLY B 236 2.72 11.43 -25.94
N TYR B 237 2.48 10.37 -26.72
CA TYR B 237 2.28 10.42 -28.17
C TYR B 237 1.20 9.43 -28.55
N ASP B 238 0.26 9.86 -29.40
CA ASP B 238 -0.86 9.02 -29.80
C ASP B 238 -0.75 8.54 -31.24
N GLY B 239 0.39 8.76 -31.89
CA GLY B 239 0.50 8.44 -33.29
C GLY B 239 0.15 9.58 -34.21
N GLN B 240 -0.33 10.67 -33.69
CA GLN B 240 -0.53 11.86 -34.51
C GLN B 240 0.09 13.08 -33.90
N ASP B 241 -0.04 13.28 -32.59
CA ASP B 241 0.45 14.48 -31.94
C ASP B 241 1.19 14.09 -30.67
N GLN B 242 2.18 14.88 -30.30
CA GLN B 242 2.64 14.88 -28.93
C GLN B 242 1.58 15.58 -28.08
N LEU B 243 1.44 15.14 -26.82
CA LEU B 243 0.36 15.55 -25.94
C LEU B 243 0.86 16.42 -24.81
N ASN B 244 0.08 17.45 -24.46
CA ASN B 244 0.32 18.18 -23.24
C ASN B 244 -0.71 17.87 -22.18
N SER B 245 -1.72 17.07 -22.51
CA SER B 245 -2.77 16.78 -21.55
C SER B 245 -2.26 15.87 -20.45
N VAL B 246 -2.91 15.95 -19.30
CA VAL B 246 -2.59 15.14 -18.11
C VAL B 246 -3.90 14.61 -17.54
N GLU B 247 -3.90 13.35 -17.10
CA GLU B 247 -5.07 12.80 -16.44
C GLU B 247 -4.63 11.96 -15.25
N ARG B 248 -5.56 11.72 -14.35
CA ARG B 248 -5.24 11.16 -13.04
C ARG B 248 -6.24 10.07 -12.69
N TYR B 249 -5.75 9.02 -12.04
CA TYR B 249 -6.56 7.85 -11.75
C TYR B 249 -6.79 7.71 -10.25
N ASP B 250 -8.04 7.58 -9.86
CA ASP B 250 -8.43 7.33 -8.50
C ASP B 250 -8.88 5.88 -8.38
N VAL B 251 -8.22 5.09 -7.52
CA VAL B 251 -8.64 3.70 -7.37
C VAL B 251 -10.03 3.63 -6.75
N ALA B 252 -10.37 4.58 -5.89
CA ALA B 252 -11.66 4.52 -5.20
C ALA B 252 -12.82 4.57 -6.20
N THR B 253 -12.79 5.55 -7.09
CA THR B 253 -13.81 5.70 -8.12
C THR B 253 -13.47 4.96 -9.40
N ALA B 254 -12.24 4.47 -9.53
CA ALA B 254 -11.81 3.68 -10.68
C ALA B 254 -12.01 4.40 -12.01
N THR B 255 -11.76 5.71 -12.05
CA THR B 255 -11.95 6.47 -13.27
C THR B 255 -10.79 7.44 -13.46
N TRP B 256 -10.59 7.85 -14.71
CA TRP B 256 -9.56 8.81 -15.07
C TRP B 256 -10.19 10.18 -15.27
N THR B 257 -9.50 11.20 -14.77
CA THR B 257 -9.98 12.57 -14.79
C THR B 257 -8.86 13.48 -15.30
N PHE B 258 -9.19 14.36 -16.23
CA PHE B 258 -8.21 15.33 -16.70
C PHE B 258 -7.92 16.37 -15.60
N VAL B 259 -6.66 16.81 -15.54
CA VAL B 259 -6.29 17.97 -14.73
C VAL B 259 -5.67 18.96 -15.70
N ALA B 260 -5.12 20.04 -15.17
CA ALA B 260 -4.52 21.05 -16.03
C ALA B 260 -3.46 20.43 -16.94
N PRO B 261 -3.38 20.86 -18.19
CA PRO B 261 -2.34 20.37 -19.10
C PRO B 261 -0.97 20.98 -18.81
N MET B 262 0.06 20.32 -19.33
CA MET B 262 1.39 20.92 -19.29
C MET B 262 1.45 22.09 -20.27
N LYS B 263 2.52 22.88 -20.13
CA LYS B 263 2.73 23.97 -21.07
C LYS B 263 3.28 23.46 -22.39
N HIS B 264 4.19 22.49 -22.37
CA HIS B 264 4.76 21.96 -23.60
C HIS B 264 4.25 20.55 -23.82
N ARG B 265 3.69 20.31 -25.00
CA ARG B 265 3.47 18.94 -25.46
C ARG B 265 4.80 18.19 -25.48
N ARG B 266 4.80 16.96 -24.96
CA ARG B 266 6.07 16.27 -24.92
C ARG B 266 5.85 14.76 -24.88
N SER B 267 6.66 14.05 -25.65
CA SER B 267 6.71 12.60 -25.63
C SER B 267 8.09 12.15 -25.16
N ALA B 268 8.13 10.98 -24.52
CA ALA B 268 9.38 10.44 -24.01
C ALA B 268 9.97 11.39 -22.95
N LEU B 269 9.09 11.97 -22.14
CA LEU B 269 9.52 12.82 -21.04
C LEU B 269 9.91 11.95 -19.85
N GLY B 270 10.69 12.53 -18.96
CA GLY B 270 10.99 11.92 -17.69
C GLY B 270 10.13 12.58 -16.63
N ILE B 271 9.71 11.80 -15.64
CA ILE B 271 8.79 12.30 -14.63
C ILE B 271 9.23 11.78 -13.28
N THR B 272 9.06 12.61 -12.26
CA THR B 272 9.27 12.13 -10.90
C THR B 272 8.49 13.04 -9.96
N VAL B 273 8.45 12.64 -8.69
CA VAL B 273 7.77 13.40 -7.67
C VAL B 273 8.81 13.85 -6.65
N HIS B 274 8.75 15.14 -6.30
CA HIS B 274 9.67 15.73 -5.33
C HIS B 274 8.87 16.65 -4.43
N GLN B 275 8.88 16.36 -3.13
CA GLN B 275 8.21 17.17 -2.14
C GLN B 275 6.78 17.50 -2.55
N GLY B 276 6.02 16.45 -2.87
CA GLY B 276 4.62 16.62 -3.18
C GLY B 276 4.34 17.38 -4.46
N ARG B 277 5.27 17.39 -5.39
CA ARG B 277 5.01 18.02 -6.67
C ARG B 277 5.62 17.18 -7.77
N ILE B 278 4.96 17.20 -8.92
CA ILE B 278 5.46 16.45 -10.07
C ILE B 278 6.38 17.33 -10.86
N TYR B 279 7.49 16.75 -11.33
CA TYR B 279 8.39 17.37 -12.27
C TYR B 279 8.42 16.50 -13.53
N VAL B 280 8.29 17.13 -14.68
CA VAL B 280 8.50 16.46 -15.95
C VAL B 280 9.72 17.11 -16.59
N LEU B 281 10.58 16.28 -17.19
CA LEU B 281 11.87 16.72 -17.71
C LEU B 281 12.03 16.37 -19.18
N GLY B 282 12.35 17.37 -20.00
CA GLY B 282 12.69 17.13 -21.39
C GLY B 282 11.57 16.45 -22.16
N GLY B 283 11.97 15.61 -23.10
CA GLY B 283 11.07 14.96 -24.03
C GLY B 283 11.20 15.56 -25.42
N TYR B 284 10.31 15.13 -26.30
CA TYR B 284 10.32 15.52 -27.70
C TYR B 284 8.94 16.03 -28.09
N ASP B 285 8.89 17.16 -28.80
CA ASP B 285 7.60 17.76 -29.15
C ASP B 285 7.28 17.65 -30.64
N GLY B 286 7.96 16.77 -31.36
CA GLY B 286 7.78 16.67 -32.78
C GLY B 286 8.72 17.54 -33.60
N HIS B 287 9.39 18.51 -32.96
CA HIS B 287 10.36 19.35 -33.65
C HIS B 287 11.67 19.45 -32.89
N THR B 288 11.60 19.42 -31.55
CA THR B 288 12.74 19.78 -30.72
C THR B 288 12.89 18.81 -29.57
N PHE B 289 14.12 18.58 -29.16
CA PHE B 289 14.39 17.86 -27.91
C PHE B 289 14.40 18.91 -26.81
N LEU B 290 13.44 18.82 -25.90
CA LEU B 290 13.19 19.89 -24.94
C LEU B 290 14.17 19.83 -23.78
N ASP B 291 14.67 21.00 -23.36
CA ASP B 291 15.32 21.12 -22.07
C ASP B 291 14.35 21.64 -21.01
N SER B 292 13.13 21.97 -21.39
CA SER B 292 12.17 22.53 -20.47
C SER B 292 11.90 21.57 -19.31
N VAL B 293 11.79 22.11 -18.10
CA VAL B 293 11.38 21.37 -16.91
C VAL B 293 10.18 22.06 -16.31
N GLU B 294 9.04 21.35 -16.27
CA GLU B 294 7.81 21.87 -15.70
C GLU B 294 7.49 21.19 -14.38
N CYS B 295 6.79 21.91 -13.51
CA CYS B 295 6.45 21.45 -12.17
C CYS B 295 4.95 21.64 -11.92
N TYR B 296 4.30 20.58 -11.44
CA TYR B 296 2.86 20.60 -11.19
C TYR B 296 2.58 20.69 -9.70
N ASP B 297 1.78 21.67 -9.32
CA ASP B 297 1.32 21.81 -7.95
C ASP B 297 -0.10 21.28 -7.85
N PRO B 298 -0.35 20.17 -7.14
CA PRO B 298 -1.71 19.65 -7.09
C PRO B 298 -2.65 20.52 -6.30
N ASP B 299 -2.17 21.20 -5.26
CA ASP B 299 -3.03 22.06 -4.45
C ASP B 299 -3.65 23.18 -5.28
N THR B 300 -2.91 23.71 -6.26
CA THR B 300 -3.44 24.73 -7.15
C THR B 300 -3.80 24.23 -8.53
N ASP B 301 -3.49 22.98 -8.85
CA ASP B 301 -3.74 22.44 -10.18
C ASP B 301 -3.14 23.35 -11.26
N THR B 302 -1.86 23.65 -11.11
CA THR B 302 -1.19 24.53 -12.07
C THR B 302 0.19 23.98 -12.37
N TRP B 303 0.66 24.26 -13.57
CA TRP B 303 1.99 23.88 -14.03
C TRP B 303 2.84 25.13 -14.21
N SER B 304 4.11 25.04 -13.88
CA SER B 304 5.00 26.16 -14.19
C SER B 304 6.36 25.63 -14.64
N GLU B 305 6.95 26.33 -15.60
CA GLU B 305 8.34 26.09 -15.95
C GLU B 305 9.21 26.50 -14.78
N VAL B 306 10.08 25.61 -14.33
CA VAL B 306 10.93 25.90 -13.19
C VAL B 306 12.41 26.01 -13.56
N THR B 307 12.87 25.32 -14.60
CA THR B 307 14.28 25.42 -14.95
C THR B 307 14.45 24.90 -16.37
N ARG B 308 15.66 24.98 -16.89
CA ARG B 308 16.00 24.35 -18.15
C ARG B 308 17.19 23.42 -17.92
N MET B 309 17.14 22.24 -18.52
CA MET B 309 18.25 21.34 -18.42
C MET B 309 19.46 21.95 -19.13
N THR B 310 20.65 21.45 -18.80
CA THR B 310 21.80 22.02 -19.46
C THR B 310 21.76 21.81 -20.96
N SER B 311 21.00 20.82 -21.45
CA SER B 311 20.80 20.62 -22.88
C SER B 311 19.57 19.72 -23.07
N GLY B 312 18.84 19.96 -24.16
CA GLY B 312 17.63 19.21 -24.41
C GLY B 312 17.90 17.75 -24.73
N ARG B 313 16.96 16.90 -24.31
CA ARG B 313 17.12 15.47 -24.53
C ARG B 313 15.77 14.80 -24.29
N SER B 314 15.65 13.55 -24.72
CA SER B 314 14.45 12.77 -24.45
C SER B 314 14.89 11.40 -23.96
N GLY B 315 13.92 10.64 -23.45
CA GLY B 315 14.18 9.27 -23.07
C GLY B 315 15.13 9.14 -21.89
N VAL B 316 15.10 10.09 -20.95
CA VAL B 316 15.95 10.03 -19.78
C VAL B 316 15.29 9.12 -18.74
N GLY B 317 16.09 8.61 -17.81
CA GLY B 317 15.60 8.02 -16.59
C GLY B 317 15.68 9.09 -15.49
N VAL B 318 14.71 9.10 -14.60
CA VAL B 318 14.60 10.16 -13.61
C VAL B 318 14.18 9.55 -12.28
N ALA B 319 14.80 10.00 -11.19
CA ALA B 319 14.43 9.58 -9.84
C ALA B 319 14.98 10.59 -8.85
N VAL B 320 14.65 10.38 -7.57
CA VAL B 320 14.98 11.31 -6.49
C VAL B 320 15.64 10.55 -5.35
N THR B 321 16.75 11.07 -4.86
CA THR B 321 17.39 10.51 -3.67
C THR B 321 18.30 11.58 -3.07
N MET B 322 18.95 11.24 -1.96
CA MET B 322 19.79 12.21 -1.26
C MET B 322 20.83 12.81 -2.20
N GLU B 323 21.27 14.02 -1.89
CA GLU B 323 22.31 14.64 -2.68
C GLU B 323 23.67 13.98 -2.40
N PRO B 324 24.61 14.05 -3.34
CA PRO B 324 25.92 13.42 -3.12
C PRO B 324 26.71 14.15 -2.04
N SER B 325 27.78 13.48 -1.61
CA SER B 325 28.76 14.01 -0.66
C SER B 325 29.36 12.82 0.08
S SO4 C . -10.24 -12.79 42.21
O1 SO4 C . -10.98 -11.60 41.82
O2 SO4 C . -11.15 -13.73 42.84
O3 SO4 C . -9.21 -12.45 43.18
O4 SO4 C . -9.55 -13.31 41.04
S SO4 D . -19.33 -9.81 27.53
O1 SO4 D . -19.07 -9.73 28.97
O2 SO4 D . -20.76 -9.57 27.31
O3 SO4 D . -18.55 -8.82 26.80
O4 SO4 D . -19.00 -11.14 27.03
S SO4 E . -25.58 5.05 19.86
O1 SO4 E . -24.91 4.96 21.15
O2 SO4 E . -26.94 4.53 20.00
O3 SO4 E . -25.65 6.45 19.43
O4 SO4 E . -24.84 4.28 18.87
N1 1XM F . -19.05 -17.58 20.92
C2 1XM F . -20.06 -16.64 20.87
N3 1XM F . -19.93 -15.47 20.28
C4 1XM F . -21.03 -14.53 20.26
S5 1XM F . -20.88 -13.10 19.55
N6 1XM F . -22.30 -14.84 20.90
C7 1XM F . -22.39 -16.03 21.48
N8 1XM F . -23.58 -16.60 22.20
N9 1XM F . -23.25 -17.76 22.61
C10 1XM F . -21.83 -18.11 22.23
C11 1XM F . -21.31 -17.05 21.55
H1 1XM F . -18.92 -18.15 20.29
H2 1XM F . -18.53 -17.64 21.59
H5 1XM F . -21.55 -18.95 22.51
#